data_1D0M
#
_entry.id   1D0M
#
_cell.length_a   58.631
_cell.length_b   67.751
_cell.length_c   97.757
_cell.angle_alpha   90.00
_cell.angle_beta   90.00
_cell.angle_gamma   90.00
#
_symmetry.space_group_name_H-M   'P 21 21 21'
#
loop_
_entity.id
_entity.type
_entity.pdbx_description
1 polymer '35KD SOLUBLE LYTIC TRANSGLYCOSYLASE'
2 branched 2-acetamido-2-deoxy-beta-D-glucopyranose-(1-4)-2-acetamido-2-deoxy-alpha-D-glucopyranose
3 non-polymer 'CALCIUM ION'
4 non-polymer 4-O-(4-O-SULFONYL-N-ACETYLGLUCOSAMININYL)-5-METHYLHYDROXY-L-PROLINE-TAURINE
5 water water
#
_entity_poly.entity_id   1
_entity_poly.type   'polypeptide(L)'
_entity_poly.pdbx_seq_one_letter_code
;MVEPQHNVMQMGGDFANNPNAQQFIDKMVNKHGFDRQQLQEILSQAKRLDSVLRLMDNQAPTTSVKPPSGPNGAWLRYRK
KFITPDNVQNGVVFWNQYEDALNRAWQVYGVPPEIIVGIIGVETRWGRVMGKTRILDALATLSFNYPRRAEYFSGELETF
LLMARDEQDDPLNLKGSFAGAMGYGQFMPSSYKQYAVDFSGDGHINLWDPVDAIGSVANYFKAHGWVKGDQVAVMANGQA
PGLPNGFKTKYSISQLAAAGLTPQQPLGNHQQASLLRLDVGTGYQYWYGLPNFYTITRYNHSTHYAMAVWQLGQAVALAR
VQ
;
_entity_poly.pdbx_strand_id   A
#
# COMPACT_ATOMS: atom_id res chain seq x y z
N MET A 1 -26.40 28.07 -22.59
CA MET A 1 -26.20 26.61 -22.81
C MET A 1 -24.74 26.21 -22.69
N VAL A 2 -24.04 26.22 -23.82
CA VAL A 2 -22.63 25.86 -23.86
C VAL A 2 -21.81 27.04 -23.40
N GLU A 3 -21.06 26.85 -22.31
CA GLU A 3 -20.23 27.92 -21.76
C GLU A 3 -18.74 27.56 -21.84
N PRO A 4 -18.08 27.92 -22.96
CA PRO A 4 -16.66 27.63 -23.14
C PRO A 4 -15.79 28.38 -22.15
N GLN A 5 -16.12 29.65 -21.93
CA GLN A 5 -15.40 30.52 -21.01
C GLN A 5 -13.90 30.56 -21.29
N HIS A 6 -13.55 30.74 -22.57
CA HIS A 6 -12.16 30.80 -23.00
C HIS A 6 -11.37 31.87 -22.25
N ASN A 7 -12.04 32.97 -21.89
CA ASN A 7 -11.42 34.09 -21.18
C ASN A 7 -11.15 33.91 -19.68
N VAL A 8 -11.82 32.97 -19.04
CA VAL A 8 -11.62 32.72 -17.61
C VAL A 8 -10.35 31.87 -17.48
N MET A 9 -9.20 32.54 -17.60
CA MET A 9 -7.90 31.90 -17.55
C MET A 9 -7.26 31.89 -16.15
N GLN A 10 -7.93 32.50 -15.18
CA GLN A 10 -7.39 32.53 -13.83
C GLN A 10 -8.30 31.92 -12.78
N MET A 11 -7.79 30.89 -12.12
CA MET A 11 -8.50 30.17 -11.07
C MET A 11 -8.20 30.74 -9.69
N GLY A 12 -9.10 30.49 -8.74
CA GLY A 12 -8.89 30.95 -7.39
C GLY A 12 -8.44 29.77 -6.53
N GLY A 13 -8.72 29.82 -5.24
CA GLY A 13 -8.34 28.72 -4.37
C GLY A 13 -6.89 28.78 -3.93
N ASP A 14 -6.47 27.78 -3.16
CA ASP A 14 -5.11 27.69 -2.62
C ASP A 14 -3.98 27.47 -3.63
N PHE A 15 -4.32 27.17 -4.89
CA PHE A 15 -3.27 26.94 -5.89
C PHE A 15 -3.27 27.95 -7.04
N ALA A 16 -3.99 29.05 -6.85
CA ALA A 16 -4.13 30.13 -7.84
C ALA A 16 -2.84 30.63 -8.49
N ASN A 17 -1.93 31.18 -7.68
CA ASN A 17 -0.67 31.68 -8.22
C ASN A 17 0.42 30.64 -8.08
N ASN A 18 0.09 29.40 -8.41
CA ASN A 18 1.03 28.29 -8.33
C ASN A 18 1.42 27.90 -9.76
N PRO A 19 2.71 28.08 -10.11
CA PRO A 19 3.25 27.75 -11.43
C PRO A 19 3.10 26.26 -11.75
N ASN A 20 3.29 25.43 -10.73
CA ASN A 20 3.20 23.98 -10.87
C ASN A 20 1.79 23.56 -11.30
N ALA A 21 0.78 24.15 -10.68
CA ALA A 21 -0.61 23.84 -11.02
C ALA A 21 -0.93 24.20 -12.48
N GLN A 22 -0.39 25.32 -12.94
CA GLN A 22 -0.61 25.78 -14.30
C GLN A 22 0.06 24.84 -15.29
N GLN A 23 1.29 24.42 -14.96
CA GLN A 23 2.03 23.49 -15.82
C GLN A 23 1.28 22.16 -15.89
N PHE A 24 0.75 21.74 -14.76
CA PHE A 24 -0.01 20.49 -14.68
C PHE A 24 -1.27 20.59 -15.52
N ILE A 25 -1.98 21.72 -15.43
CA ILE A 25 -3.20 21.94 -16.19
C ILE A 25 -2.89 21.86 -17.69
N ASP A 26 -1.78 22.50 -18.10
CA ASP A 26 -1.36 22.49 -19.51
C ASP A 26 -1.13 21.07 -19.98
N LYS A 27 -0.41 20.31 -19.15
CA LYS A 27 -0.08 18.93 -19.44
C LYS A 27 -1.34 18.09 -19.66
N MET A 28 -2.27 18.18 -18.72
CA MET A 28 -3.52 17.42 -18.80
C MET A 28 -4.35 17.72 -20.04
N VAL A 29 -4.38 18.99 -20.43
CA VAL A 29 -5.12 19.44 -21.61
C VAL A 29 -4.48 18.85 -22.85
N ASN A 30 -3.20 19.20 -23.04
CA ASN A 30 -2.38 18.76 -24.17
C ASN A 30 -2.32 17.23 -24.33
N LYS A 31 -1.85 16.57 -23.29
CA LYS A 31 -1.67 15.11 -23.26
C LYS A 31 -2.92 14.24 -23.20
N HIS A 32 -3.99 14.68 -22.54
CA HIS A 32 -5.18 13.86 -22.43
C HIS A 32 -6.51 14.43 -22.90
N GLY A 33 -6.46 15.62 -23.52
CA GLY A 33 -7.68 16.24 -24.00
C GLY A 33 -8.53 16.90 -22.93
N PHE A 34 -7.96 17.09 -21.74
CA PHE A 34 -8.67 17.74 -20.64
C PHE A 34 -8.98 19.19 -20.97
N ASP A 35 -10.17 19.64 -20.59
CA ASP A 35 -10.55 21.02 -20.83
C ASP A 35 -9.94 21.84 -19.71
N ARG A 36 -9.29 22.95 -20.06
CA ARG A 36 -8.65 23.81 -19.07
C ARG A 36 -9.62 24.40 -18.05
N GLN A 37 -10.74 24.96 -18.52
CA GLN A 37 -11.72 25.56 -17.62
C GLN A 37 -12.36 24.55 -16.66
N GLN A 38 -12.58 23.32 -17.13
CA GLN A 38 -13.16 22.31 -16.27
C GLN A 38 -12.15 21.96 -15.17
N LEU A 39 -10.92 21.70 -15.59
CA LEU A 39 -9.83 21.35 -14.68
C LEU A 39 -9.57 22.47 -13.67
N GLN A 40 -9.60 23.71 -14.12
CA GLN A 40 -9.38 24.87 -13.25
C GLN A 40 -10.46 24.95 -12.18
N GLU A 41 -11.70 24.63 -12.55
CA GLU A 41 -12.81 24.65 -11.62
C GLU A 41 -12.62 23.57 -10.55
N ILE A 42 -11.96 22.48 -10.93
CA ILE A 42 -11.67 21.38 -10.02
C ILE A 42 -10.53 21.76 -9.07
N LEU A 43 -9.41 22.20 -9.64
CA LEU A 43 -8.25 22.58 -8.85
C LEU A 43 -8.45 23.85 -8.01
N SER A 44 -9.49 24.61 -8.31
CA SER A 44 -9.77 25.83 -7.54
C SER A 44 -10.45 25.42 -6.23
N GLN A 45 -11.01 24.21 -6.22
CA GLN A 45 -11.66 23.67 -5.02
C GLN A 45 -10.66 22.81 -4.24
N ALA A 46 -9.47 22.58 -4.82
CA ALA A 46 -8.44 21.80 -4.16
C ALA A 46 -7.86 22.62 -3.01
N LYS A 47 -7.49 21.95 -1.93
CA LYS A 47 -6.95 22.61 -0.75
C LYS A 47 -5.52 22.21 -0.44
N ARG A 48 -4.71 23.20 -0.08
CA ARG A 48 -3.32 22.97 0.30
C ARG A 48 -3.33 22.62 1.77
N LEU A 49 -3.19 21.32 2.05
CA LEU A 49 -3.19 20.81 3.43
C LEU A 49 -1.76 20.74 3.98
N ASP A 50 -1.47 21.63 4.94
CA ASP A 50 -0.14 21.67 5.56
C ASP A 50 0.20 20.38 6.29
N SER A 51 -0.81 19.72 6.82
CA SER A 51 -0.60 18.47 7.54
C SER A 51 -0.06 17.37 6.62
N VAL A 52 -0.47 17.39 5.36
CA VAL A 52 0.02 16.41 4.41
C VAL A 52 1.52 16.64 4.15
N LEU A 53 1.96 17.88 4.27
CA LEU A 53 3.35 18.26 4.06
C LEU A 53 4.19 17.92 5.29
N ARG A 54 3.64 18.19 6.47
CA ARG A 54 4.34 17.90 7.72
C ARG A 54 4.50 16.39 7.90
N LEU A 55 3.49 15.63 7.50
CA LEU A 55 3.50 14.17 7.62
C LEU A 55 4.45 13.48 6.66
N MET A 56 4.62 14.04 5.47
CA MET A 56 5.53 13.44 4.48
C MET A 56 6.98 13.73 4.85
N ASP A 57 7.23 14.84 5.53
CA ASP A 57 8.58 15.20 5.98
C ASP A 57 9.01 14.28 7.13
N ASN A 58 8.07 14.00 8.02
CA ASN A 58 8.32 13.14 9.18
C ASN A 58 8.45 11.66 8.81
N GLN A 59 8.48 11.37 7.51
CA GLN A 59 8.63 10.00 7.01
C GLN A 59 9.67 9.93 5.89
N GLY A 70 17.22 1.20 22.95
CA GLY A 70 17.22 -0.04 22.11
C GLY A 70 18.13 -1.14 22.65
N PRO A 71 17.61 -2.34 22.91
CA PRO A 71 16.21 -2.78 22.74
C PRO A 71 15.20 -2.12 23.68
N ASN A 72 14.16 -1.53 23.09
CA ASN A 72 13.10 -0.85 23.82
C ASN A 72 11.71 -1.39 23.48
N GLY A 73 11.65 -2.55 22.82
CA GLY A 73 10.39 -3.17 22.44
C GLY A 73 9.64 -2.50 21.28
N ALA A 74 10.38 -2.02 20.29
CA ALA A 74 9.81 -1.33 19.12
C ALA A 74 8.85 -2.21 18.31
N TRP A 75 9.27 -3.43 18.02
CA TRP A 75 8.43 -4.34 17.26
C TRP A 75 7.10 -4.56 17.97
N LEU A 76 7.15 -4.85 19.27
CA LEU A 76 5.96 -5.07 20.07
C LEU A 76 4.94 -3.93 20.02
N ARG A 77 5.41 -2.68 20.00
CA ARG A 77 4.52 -1.52 19.94
C ARG A 77 3.79 -1.39 18.60
N TYR A 78 4.47 -1.76 17.53
CA TYR A 78 3.92 -1.68 16.19
C TYR A 78 2.95 -2.84 15.98
N ARG A 79 3.34 -4.00 16.48
CA ARG A 79 2.57 -5.22 16.38
C ARG A 79 1.21 -5.16 17.09
N LYS A 80 1.19 -4.63 18.31
CA LYS A 80 -0.05 -4.53 19.08
C LYS A 80 -1.08 -3.58 18.47
N LYS A 81 -0.67 -2.82 17.45
CA LYS A 81 -1.56 -1.90 16.76
C LYS A 81 -2.44 -2.65 15.78
N PHE A 82 -1.97 -3.81 15.32
CA PHE A 82 -2.70 -4.61 14.34
C PHE A 82 -3.12 -6.00 14.83
N ILE A 83 -2.33 -6.61 15.68
CA ILE A 83 -2.62 -7.96 16.18
C ILE A 83 -3.19 -8.02 17.60
N THR A 84 -4.51 -7.92 17.68
CA THR A 84 -5.23 -7.95 18.95
C THR A 84 -6.40 -8.92 18.77
N PRO A 85 -7.02 -9.35 19.89
CA PRO A 85 -8.16 -10.27 19.76
C PRO A 85 -9.23 -9.69 18.83
N ASP A 86 -9.59 -8.43 19.06
CA ASP A 86 -10.58 -7.73 18.26
C ASP A 86 -10.26 -7.79 16.78
N ASN A 87 -9.03 -7.42 16.43
CA ASN A 87 -8.58 -7.44 15.04
C ASN A 87 -8.59 -8.82 14.40
N VAL A 88 -8.02 -9.80 15.08
CA VAL A 88 -7.98 -11.18 14.59
C VAL A 88 -9.41 -11.70 14.37
N GLN A 89 -10.30 -11.35 15.29
CA GLN A 89 -11.70 -11.76 15.23
C GLN A 89 -12.38 -11.12 14.00
N ASN A 90 -12.13 -9.82 13.79
CA ASN A 90 -12.69 -9.11 12.64
C ASN A 90 -12.12 -9.69 11.35
N GLY A 91 -10.87 -10.15 11.42
CA GLY A 91 -10.22 -10.74 10.26
C GLY A 91 -10.86 -12.06 9.87
N VAL A 92 -11.33 -12.82 10.86
CA VAL A 92 -11.98 -14.11 10.61
C VAL A 92 -13.30 -13.84 9.89
N VAL A 93 -14.06 -12.87 10.40
CA VAL A 93 -15.34 -12.49 9.84
C VAL A 93 -15.16 -12.11 8.37
N PHE A 94 -14.17 -11.27 8.09
CA PHE A 94 -13.88 -10.84 6.73
C PHE A 94 -13.49 -12.01 5.84
N TRP A 95 -12.74 -12.96 6.40
CA TRP A 95 -12.31 -14.13 5.64
C TRP A 95 -13.48 -15.01 5.21
N ASN A 96 -14.39 -15.30 6.14
CA ASN A 96 -15.56 -16.13 5.84
C ASN A 96 -16.54 -15.42 4.92
N GLN A 97 -16.70 -14.12 5.12
CA GLN A 97 -17.61 -13.30 4.33
C GLN A 97 -17.20 -13.26 2.85
N TYR A 98 -15.89 -13.26 2.60
CA TYR A 98 -15.37 -13.20 1.24
C TYR A 98 -14.52 -14.40 0.84
N GLU A 99 -14.84 -15.55 1.43
CA GLU A 99 -14.11 -16.78 1.16
C GLU A 99 -14.00 -17.17 -0.31
N ASP A 100 -15.08 -16.97 -1.07
CA ASP A 100 -15.05 -17.32 -2.50
C ASP A 100 -14.09 -16.43 -3.25
N ALA A 101 -14.16 -15.12 -3.00
CA ALA A 101 -13.28 -14.15 -3.64
C ALA A 101 -11.82 -14.45 -3.29
N LEU A 102 -11.56 -14.79 -2.03
CA LEU A 102 -10.20 -15.10 -1.60
C LEU A 102 -9.69 -16.42 -2.20
N ASN A 103 -10.54 -17.43 -2.24
CA ASN A 103 -10.15 -18.74 -2.81
C ASN A 103 -9.91 -18.62 -4.30
N ARG A 104 -10.71 -17.80 -4.96
CA ARG A 104 -10.60 -17.58 -6.40
C ARG A 104 -9.33 -16.78 -6.74
N ALA A 105 -8.92 -15.89 -5.83
CA ALA A 105 -7.69 -15.12 -6.05
C ALA A 105 -6.49 -16.06 -5.88
N TRP A 106 -6.65 -17.01 -4.96
CA TRP A 106 -5.62 -18.00 -4.67
C TRP A 106 -5.35 -18.86 -5.89
N GLN A 107 -6.43 -19.27 -6.57
CA GLN A 107 -6.34 -20.11 -7.76
C GLN A 107 -5.81 -19.36 -9.00
N VAL A 108 -6.24 -18.13 -9.17
CA VAL A 108 -5.83 -17.31 -10.32
C VAL A 108 -4.44 -16.69 -10.21
N TYR A 109 -4.09 -16.21 -9.02
CA TYR A 109 -2.79 -15.56 -8.81
C TYR A 109 -1.80 -16.31 -7.93
N GLY A 110 -2.28 -17.28 -7.16
CA GLY A 110 -1.40 -18.05 -6.30
C GLY A 110 -1.00 -17.35 -5.01
N VAL A 111 -1.76 -16.32 -4.64
CA VAL A 111 -1.49 -15.57 -3.41
C VAL A 111 -2.52 -16.07 -2.40
N PRO A 112 -2.04 -16.62 -1.28
CA PRO A 112 -2.89 -17.17 -0.22
C PRO A 112 -3.78 -16.16 0.52
N PRO A 113 -5.00 -16.59 0.90
CA PRO A 113 -6.00 -15.78 1.62
C PRO A 113 -5.48 -15.04 2.82
N GLU A 114 -4.58 -15.66 3.58
CA GLU A 114 -4.03 -15.02 4.77
C GLU A 114 -3.23 -13.77 4.45
N ILE A 115 -2.55 -13.77 3.31
CA ILE A 115 -1.76 -12.62 2.89
C ILE A 115 -2.67 -11.46 2.48
N ILE A 116 -3.75 -11.76 1.77
CA ILE A 116 -4.69 -10.72 1.35
C ILE A 116 -5.47 -10.22 2.56
N VAL A 117 -5.84 -11.12 3.46
CA VAL A 117 -6.56 -10.76 4.68
C VAL A 117 -5.63 -9.91 5.57
N GLY A 118 -4.34 -10.23 5.55
CA GLY A 118 -3.39 -9.47 6.34
C GLY A 118 -3.19 -8.07 5.80
N ILE A 119 -3.03 -7.96 4.47
CA ILE A 119 -2.85 -6.68 3.81
C ILE A 119 -4.02 -5.77 4.09
N ILE A 120 -5.22 -6.20 3.71
CA ILE A 120 -6.42 -5.41 3.91
C ILE A 120 -6.68 -5.12 5.38
N GLY A 121 -6.15 -5.97 6.26
CA GLY A 121 -6.29 -5.74 7.68
C GLY A 121 -5.41 -4.61 8.19
N VAL A 122 -4.12 -4.65 7.84
CA VAL A 122 -3.20 -3.60 8.26
C VAL A 122 -3.53 -2.27 7.58
N GLU A 123 -4.05 -2.36 6.35
CA GLU A 123 -4.40 -1.17 5.58
C GLU A 123 -5.62 -0.38 6.01
N THR A 124 -6.77 -1.02 6.13
CA THR A 124 -7.99 -0.31 6.51
C THR A 124 -8.86 -1.03 7.54
N ARG A 125 -8.32 -2.04 8.21
CA ARG A 125 -9.09 -2.84 9.17
C ARG A 125 -10.30 -3.42 8.43
N TRP A 126 -10.05 -3.95 7.26
CA TRP A 126 -11.07 -4.55 6.41
C TRP A 126 -12.20 -3.59 6.11
N GLY A 127 -11.83 -2.39 5.66
CA GLY A 127 -12.79 -1.37 5.29
C GLY A 127 -13.31 -0.40 6.33
N ARG A 128 -12.88 -0.54 7.59
CA ARG A 128 -13.34 0.35 8.67
C ARG A 128 -12.61 1.68 8.73
N VAL A 129 -11.41 1.74 8.16
CA VAL A 129 -10.61 2.97 8.17
C VAL A 129 -10.05 3.19 6.77
N MET A 130 -10.88 3.76 5.89
CA MET A 130 -10.49 4.01 4.52
C MET A 130 -9.74 5.31 4.30
N GLY A 131 -9.78 6.19 5.29
CA GLY A 131 -9.12 7.48 5.18
C GLY A 131 -10.16 8.59 5.08
N LYS A 132 -9.83 9.78 5.56
CA LYS A 132 -10.79 10.89 5.54
C LYS A 132 -10.31 12.10 4.76
N THR A 133 -9.21 11.94 4.04
CA THR A 133 -8.62 13.02 3.27
C THR A 133 -9.02 12.93 1.81
N ARG A 134 -9.50 14.02 1.22
CA ARG A 134 -9.86 13.98 -0.19
C ARG A 134 -8.57 13.77 -0.98
N ILE A 135 -8.58 12.75 -1.83
CA ILE A 135 -7.45 12.40 -2.67
C ILE A 135 -6.92 13.57 -3.48
N LEU A 136 -7.82 14.41 -3.99
CA LEU A 136 -7.41 15.58 -4.79
C LEU A 136 -6.60 16.60 -4.00
N ASP A 137 -6.98 16.83 -2.74
CA ASP A 137 -6.31 17.78 -1.89
C ASP A 137 -4.92 17.29 -1.54
N ALA A 138 -4.83 16.02 -1.19
CA ALA A 138 -3.57 15.41 -0.83
C ALA A 138 -2.59 15.39 -2.00
N LEU A 139 -3.06 14.88 -3.14
CA LEU A 139 -2.21 14.79 -4.33
C LEU A 139 -1.83 16.14 -4.92
N ALA A 140 -2.76 17.09 -4.88
CA ALA A 140 -2.47 18.44 -5.39
C ALA A 140 -1.45 19.12 -4.50
N THR A 141 -1.57 18.93 -3.19
CA THR A 141 -0.64 19.51 -2.22
C THR A 141 0.78 19.00 -2.42
N LEU A 142 0.91 17.70 -2.64
CA LEU A 142 2.21 17.04 -2.83
C LEU A 142 2.84 17.26 -4.21
N SER A 143 2.00 17.53 -5.20
CA SER A 143 2.45 17.79 -6.55
C SER A 143 2.90 19.25 -6.71
N PHE A 144 2.18 20.16 -6.08
CA PHE A 144 2.45 21.58 -6.21
C PHE A 144 3.25 22.28 -5.11
N ASN A 145 3.20 21.77 -3.88
CA ASN A 145 3.92 22.40 -2.77
C ASN A 145 4.91 21.46 -2.09
N TYR A 146 5.38 20.45 -2.81
CA TYR A 146 6.33 19.51 -2.24
C TYR A 146 7.29 19.05 -3.32
N PRO A 147 8.40 19.80 -3.51
CA PRO A 147 9.45 19.54 -4.50
C PRO A 147 10.13 18.18 -4.45
N ARG A 148 10.50 17.71 -3.26
CA ARG A 148 11.18 16.44 -3.09
C ARG A 148 10.57 15.27 -3.85
N ARG A 149 9.25 15.11 -3.76
CA ARG A 149 8.55 14.04 -4.46
C ARG A 149 7.45 14.57 -5.37
N ALA A 150 7.63 15.80 -5.84
CA ALA A 150 6.67 16.45 -6.72
C ALA A 150 6.38 15.75 -8.05
N GLU A 151 7.38 15.08 -8.61
CA GLU A 151 7.19 14.37 -9.88
C GLU A 151 6.40 13.08 -9.72
N TYR A 152 6.69 12.35 -8.64
CA TYR A 152 5.98 11.10 -8.35
C TYR A 152 4.50 11.39 -8.13
N PHE A 153 4.23 12.33 -7.24
CA PHE A 153 2.87 12.70 -6.90
C PHE A 153 2.10 13.37 -8.02
N SER A 154 2.80 14.07 -8.89
CA SER A 154 2.16 14.73 -10.02
C SER A 154 1.66 13.63 -10.96
N GLY A 155 2.44 12.55 -11.08
CA GLY A 155 2.05 11.44 -11.91
C GLY A 155 0.87 10.70 -11.29
N GLU A 156 0.79 10.76 -9.96
CA GLU A 156 -0.30 10.13 -9.24
C GLU A 156 -1.57 10.95 -9.46
N LEU A 157 -1.43 12.27 -9.42
CA LEU A 157 -2.56 13.19 -9.64
C LEU A 157 -3.06 13.06 -11.05
N GLU A 158 -2.11 12.99 -12.00
CA GLU A 158 -2.43 12.84 -13.41
C GLU A 158 -3.26 11.58 -13.61
N THR A 159 -2.83 10.50 -12.97
CA THR A 159 -3.53 9.21 -13.08
C THR A 159 -4.88 9.22 -12.35
N PHE A 160 -4.94 9.92 -11.21
CA PHE A 160 -6.18 10.00 -10.45
C PHE A 160 -7.29 10.67 -11.26
N LEU A 161 -6.94 11.74 -11.96
CA LEU A 161 -7.90 12.48 -12.77
C LEU A 161 -8.43 11.69 -13.97
N LEU A 162 -7.59 10.81 -14.50
CA LEU A 162 -7.99 9.95 -15.62
C LEU A 162 -8.86 8.83 -15.09
N MET A 163 -8.64 8.46 -13.83
CA MET A 163 -9.41 7.41 -13.16
C MET A 163 -10.81 7.94 -12.87
N ALA A 164 -10.88 9.20 -12.46
CA ALA A 164 -12.15 9.85 -12.15
C ALA A 164 -13.02 9.86 -13.40
N ARG A 165 -12.39 10.16 -14.53
CA ARG A 165 -13.07 10.20 -15.82
C ARG A 165 -13.51 8.80 -16.30
N ASP A 166 -12.59 7.84 -16.31
CA ASP A 166 -12.87 6.47 -16.74
C ASP A 166 -13.92 5.72 -15.91
N GLU A 167 -13.73 5.71 -14.59
CA GLU A 167 -14.65 5.04 -13.67
C GLU A 167 -15.84 5.92 -13.26
N GLN A 168 -16.03 7.02 -13.99
CA GLN A 168 -17.11 7.99 -13.75
C GLN A 168 -17.26 8.50 -12.33
N ASP A 169 -16.13 8.72 -11.67
CA ASP A 169 -16.09 9.23 -10.30
C ASP A 169 -15.96 10.75 -10.31
N ASP A 170 -16.26 11.37 -9.16
CA ASP A 170 -16.14 12.81 -8.99
C ASP A 170 -14.83 12.94 -8.20
N PRO A 171 -13.83 13.62 -8.78
CA PRO A 171 -12.52 13.80 -8.14
C PRO A 171 -12.56 14.41 -6.73
N LEU A 172 -13.64 15.11 -6.43
CA LEU A 172 -13.80 15.76 -5.14
C LEU A 172 -14.43 14.88 -4.07
N ASN A 173 -15.17 13.86 -4.46
CA ASN A 173 -15.84 12.99 -3.49
C ASN A 173 -14.99 11.87 -2.89
N LEU A 174 -13.95 11.44 -3.60
CA LEU A 174 -13.09 10.36 -3.15
C LEU A 174 -12.12 10.71 -2.02
N LYS A 175 -12.20 9.93 -0.94
CA LYS A 175 -11.36 10.14 0.22
C LYS A 175 -10.40 8.95 0.43
N GLY A 176 -9.29 9.22 1.10
CA GLY A 176 -8.28 8.20 1.32
C GLY A 176 -7.22 8.71 2.28
N SER A 177 -5.99 8.21 2.15
CA SER A 177 -4.92 8.62 3.06
C SER A 177 -4.25 9.96 2.73
N PHE A 178 -3.37 10.40 3.62
CA PHE A 178 -2.64 11.65 3.45
C PHE A 178 -1.70 11.61 2.25
N ALA A 179 -1.46 10.42 1.70
CA ALA A 179 -0.59 10.24 0.54
C ALA A 179 -1.45 10.01 -0.72
N GLY A 180 -2.76 9.96 -0.54
CA GLY A 180 -3.66 9.75 -1.67
C GLY A 180 -3.94 8.30 -2.03
N ALA A 181 -3.75 7.38 -1.07
CA ALA A 181 -3.99 5.95 -1.26
C ALA A 181 -5.49 5.68 -1.12
N MET A 182 -6.00 4.71 -1.88
CA MET A 182 -7.44 4.44 -1.89
C MET A 182 -8.01 3.04 -1.66
N GLY A 183 -9.21 3.01 -1.09
CA GLY A 183 -9.91 1.77 -0.86
C GLY A 183 -9.44 0.80 0.19
N TYR A 184 -9.99 -0.42 0.13
CA TYR A 184 -9.66 -1.51 1.07
C TYR A 184 -8.18 -1.85 1.11
N GLY A 185 -7.51 -1.80 -0.04
CA GLY A 185 -6.10 -2.10 -0.06
C GLY A 185 -5.22 -0.88 -0.06
N GLN A 186 -5.84 0.31 0.00
CA GLN A 186 -5.10 1.55 -0.03
C GLN A 186 -4.13 1.62 -1.22
N PHE A 187 -4.68 1.49 -2.42
CA PHE A 187 -3.89 1.57 -3.64
C PHE A 187 -3.59 3.00 -4.06
N MET A 188 -2.35 3.27 -4.47
CA MET A 188 -2.00 4.58 -4.98
C MET A 188 -2.59 4.59 -6.40
N PRO A 189 -2.88 5.77 -6.96
CA PRO A 189 -3.43 5.83 -8.32
C PRO A 189 -2.68 5.01 -9.39
N SER A 190 -1.36 5.05 -9.38
CA SER A 190 -0.54 4.30 -10.35
C SER A 190 -0.62 2.80 -10.12
N SER A 191 -0.84 2.39 -8.89
CA SER A 191 -0.98 0.97 -8.59
C SER A 191 -2.31 0.51 -9.15
N TYR A 192 -3.31 1.39 -9.07
CA TYR A 192 -4.64 1.11 -9.61
C TYR A 192 -4.52 0.91 -11.12
N LYS A 193 -3.87 1.87 -11.76
CA LYS A 193 -3.66 1.86 -13.20
C LYS A 193 -2.97 0.61 -13.74
N GLN A 194 -1.92 0.18 -13.04
CA GLN A 194 -1.13 -0.97 -13.47
C GLN A 194 -1.53 -2.33 -12.91
N TYR A 195 -2.04 -2.36 -11.69
CA TYR A 195 -2.34 -3.62 -11.04
C TYR A 195 -3.76 -3.94 -10.60
N ALA A 196 -4.67 -2.98 -10.65
CA ALA A 196 -6.03 -3.25 -10.22
C ALA A 196 -6.82 -4.04 -11.27
N VAL A 197 -7.77 -4.86 -10.81
CA VAL A 197 -8.56 -5.68 -11.70
C VAL A 197 -10.04 -5.72 -11.30
N ASP A 198 -10.91 -5.89 -12.29
CA ASP A 198 -12.34 -6.00 -12.05
C ASP A 198 -12.62 -7.43 -11.56
N PHE A 199 -12.22 -7.73 -10.33
CA PHE A 199 -12.39 -9.07 -9.81
C PHE A 199 -13.83 -9.48 -9.57
N SER A 200 -14.72 -8.51 -9.40
CA SER A 200 -16.14 -8.77 -9.16
C SER A 200 -16.90 -9.07 -10.44
N GLY A 201 -16.35 -8.65 -11.58
CA GLY A 201 -16.96 -8.92 -12.87
C GLY A 201 -18.07 -8.01 -13.36
N ASP A 202 -18.24 -6.84 -12.76
CA ASP A 202 -19.28 -5.92 -13.17
C ASP A 202 -18.86 -4.92 -14.27
N GLY A 203 -17.62 -5.07 -14.74
CA GLY A 203 -17.10 -4.20 -15.77
C GLY A 203 -16.36 -2.96 -15.29
N HIS A 204 -16.41 -2.71 -13.98
CA HIS A 204 -15.76 -1.53 -13.40
C HIS A 204 -14.79 -1.87 -12.28
N ILE A 205 -13.62 -1.24 -12.29
CA ILE A 205 -12.60 -1.47 -11.27
C ILE A 205 -12.79 -0.44 -10.15
N ASN A 206 -13.44 -0.89 -9.07
CA ASN A 206 -13.73 -0.07 -7.91
C ASN A 206 -12.82 -0.49 -6.75
N LEU A 207 -12.04 0.44 -6.24
CA LEU A 207 -11.13 0.13 -5.13
C LEU A 207 -11.85 0.02 -3.79
N TRP A 208 -13.11 0.44 -3.76
CA TRP A 208 -13.94 0.41 -2.55
C TRP A 208 -14.90 -0.79 -2.54
N ASP A 209 -14.70 -1.70 -3.49
CA ASP A 209 -15.48 -2.92 -3.60
C ASP A 209 -14.54 -3.99 -3.00
N PRO A 210 -14.97 -4.64 -1.91
CA PRO A 210 -14.14 -5.68 -1.27
C PRO A 210 -13.63 -6.78 -2.20
N VAL A 211 -14.45 -7.19 -3.15
CA VAL A 211 -14.07 -8.24 -4.09
C VAL A 211 -12.97 -7.81 -5.07
N ASP A 212 -13.06 -6.56 -5.54
CA ASP A 212 -12.09 -5.98 -6.46
C ASP A 212 -10.75 -5.78 -5.76
N ALA A 213 -10.80 -5.31 -4.53
CA ALA A 213 -9.60 -5.08 -3.72
C ALA A 213 -8.89 -6.39 -3.51
N ILE A 214 -9.63 -7.45 -3.24
CA ILE A 214 -9.05 -8.78 -3.03
C ILE A 214 -8.25 -9.24 -4.27
N GLY A 215 -8.88 -9.24 -5.45
CA GLY A 215 -8.17 -9.66 -6.65
C GLY A 215 -7.07 -8.71 -7.06
N SER A 216 -7.23 -7.44 -6.70
CA SER A 216 -6.22 -6.43 -7.04
C SER A 216 -4.98 -6.56 -6.16
N VAL A 217 -5.19 -6.95 -4.91
CA VAL A 217 -4.08 -7.14 -3.96
C VAL A 217 -3.29 -8.37 -4.42
N ALA A 218 -3.99 -9.42 -4.86
CA ALA A 218 -3.33 -10.62 -5.33
C ALA A 218 -2.56 -10.38 -6.63
N ASN A 219 -3.15 -9.65 -7.57
CA ASN A 219 -2.49 -9.33 -8.83
C ASN A 219 -1.25 -8.49 -8.56
N TYR A 220 -1.36 -7.55 -7.63
CA TYR A 220 -0.24 -6.71 -7.28
C TYR A 220 0.89 -7.62 -6.79
N PHE A 221 0.55 -8.57 -5.92
CA PHE A 221 1.54 -9.50 -5.37
C PHE A 221 2.21 -10.34 -6.44
N LYS A 222 1.41 -10.97 -7.30
CA LYS A 222 1.95 -11.79 -8.36
C LYS A 222 2.86 -10.98 -9.27
N ALA A 223 2.42 -9.77 -9.61
CA ALA A 223 3.21 -8.91 -10.48
C ALA A 223 4.53 -8.52 -9.83
N HIS A 224 4.58 -8.58 -8.50
CA HIS A 224 5.79 -8.23 -7.79
C HIS A 224 6.63 -9.42 -7.35
N GLY A 225 6.41 -10.56 -7.98
CA GLY A 225 7.20 -11.75 -7.68
C GLY A 225 6.75 -12.81 -6.70
N TRP A 226 5.54 -12.70 -6.16
CA TRP A 226 5.09 -13.71 -5.20
C TRP A 226 5.15 -15.11 -5.80
N VAL A 227 5.89 -15.99 -5.12
CA VAL A 227 6.06 -17.38 -5.55
C VAL A 227 5.09 -18.24 -4.73
N LYS A 228 4.16 -18.90 -5.41
CA LYS A 228 3.15 -19.74 -4.78
C LYS A 228 3.73 -20.92 -3.97
N GLY A 229 3.32 -21.01 -2.71
CA GLY A 229 3.77 -22.09 -1.84
C GLY A 229 5.09 -21.87 -1.11
N ASP A 230 5.88 -20.90 -1.57
CA ASP A 230 7.17 -20.59 -0.97
C ASP A 230 7.00 -19.94 0.40
N GLN A 231 8.03 -20.05 1.24
CA GLN A 231 8.02 -19.49 2.58
C GLN A 231 8.29 -17.98 2.55
N VAL A 232 7.65 -17.25 3.48
CA VAL A 232 7.80 -15.81 3.59
C VAL A 232 9.06 -15.44 4.38
N ALA A 233 9.14 -15.97 5.60
CA ALA A 233 10.26 -15.72 6.50
C ALA A 233 10.39 -16.91 7.45
N VAL A 234 11.59 -17.13 7.96
CA VAL A 234 11.85 -18.24 8.88
C VAL A 234 12.63 -17.72 10.08
N MET A 235 12.06 -17.84 11.28
CA MET A 235 12.76 -17.38 12.47
C MET A 235 14.05 -18.15 12.68
N ALA A 236 15.02 -17.51 13.31
CA ALA A 236 16.31 -18.13 13.55
C ALA A 236 16.59 -18.38 15.01
N ASN A 237 17.35 -19.45 15.26
CA ASN A 237 17.80 -19.78 16.59
C ASN A 237 19.13 -19.05 16.64
N GLY A 238 19.35 -18.25 17.67
CA GLY A 238 20.62 -17.55 17.79
C GLY A 238 20.58 -16.06 17.57
N GLN A 239 21.75 -15.45 17.71
CA GLN A 239 21.94 -14.01 17.54
C GLN A 239 23.06 -13.74 16.52
N ALA A 240 22.95 -12.65 15.79
CA ALA A 240 23.95 -12.28 14.79
C ALA A 240 24.12 -10.75 14.85
N PRO A 241 24.62 -10.23 15.99
CA PRO A 241 24.84 -8.81 16.26
C PRO A 241 25.85 -8.06 15.37
N GLY A 242 26.75 -8.77 14.72
CA GLY A 242 27.72 -8.11 13.88
C GLY A 242 27.15 -7.55 12.58
N LEU A 243 26.25 -8.31 11.96
CA LEU A 243 25.62 -7.97 10.69
C LEU A 243 24.51 -6.91 10.68
N PRO A 244 24.48 -6.06 9.63
CA PRO A 244 23.47 -5.01 9.45
C PRO A 244 22.13 -5.68 9.10
N ASN A 245 21.01 -5.01 9.36
CA ASN A 245 19.72 -5.62 9.07
C ASN A 245 18.64 -4.78 8.39
N GLY A 246 17.63 -5.47 7.88
CA GLY A 246 16.54 -4.81 7.20
C GLY A 246 16.18 -5.61 5.97
N PHE A 247 15.05 -5.30 5.35
CA PHE A 247 14.62 -6.03 4.16
C PHE A 247 15.53 -5.82 2.96
N LYS A 248 16.36 -4.79 2.99
CA LYS A 248 17.29 -4.50 1.90
C LYS A 248 18.59 -5.32 1.97
N THR A 249 18.90 -5.87 3.14
CA THR A 249 20.13 -6.66 3.29
C THR A 249 20.08 -7.98 2.55
N LYS A 250 21.26 -8.56 2.29
CA LYS A 250 21.35 -9.81 1.55
C LYS A 250 22.57 -10.61 1.98
N TYR A 251 22.34 -11.81 2.48
CA TYR A 251 23.40 -12.69 2.94
C TYR A 251 23.12 -14.11 2.48
N SER A 252 24.18 -14.89 2.29
CA SER A 252 24.00 -16.28 1.90
C SER A 252 23.74 -17.03 3.20
N ILE A 253 23.14 -18.23 3.11
CA ILE A 253 22.85 -19.03 4.28
C ILE A 253 24.17 -19.33 4.99
N SER A 254 25.21 -19.57 4.19
CA SER A 254 26.56 -19.86 4.68
C SER A 254 27.12 -18.73 5.55
N GLN A 255 26.81 -17.48 5.20
CA GLN A 255 27.28 -16.31 5.95
C GLN A 255 26.55 -16.18 7.28
N LEU A 256 25.25 -16.46 7.25
CA LEU A 256 24.39 -16.37 8.43
C LEU A 256 24.70 -17.48 9.43
N ALA A 257 25.00 -18.67 8.93
CA ALA A 257 25.35 -19.82 9.76
C ALA A 257 26.63 -19.51 10.51
N ALA A 258 27.61 -18.97 9.78
CA ALA A 258 28.91 -18.61 10.35
C ALA A 258 28.81 -17.43 11.32
N ALA A 259 27.64 -16.80 11.38
CA ALA A 259 27.43 -15.67 12.29
C ALA A 259 26.71 -16.10 13.57
N GLY A 260 26.33 -17.38 13.63
CA GLY A 260 25.66 -17.92 14.80
C GLY A 260 24.16 -18.16 14.70
N LEU A 261 23.65 -18.38 13.49
CA LEU A 261 22.23 -18.61 13.28
C LEU A 261 21.90 -19.96 12.64
N THR A 262 20.72 -20.48 12.97
CA THR A 262 20.22 -21.75 12.42
C THR A 262 18.72 -21.56 12.15
N PRO A 263 18.23 -22.10 11.02
CA PRO A 263 16.82 -21.96 10.69
C PRO A 263 15.89 -22.92 11.45
N GLN A 264 14.84 -22.37 12.06
CA GLN A 264 13.88 -23.19 12.78
C GLN A 264 13.10 -24.08 11.83
N GLN A 265 13.15 -23.75 10.54
CA GLN A 265 12.47 -24.53 9.51
C GLN A 265 13.46 -24.73 8.37
N PRO A 266 13.33 -25.83 7.61
CA PRO A 266 14.24 -26.08 6.49
C PRO A 266 14.07 -24.96 5.45
N LEU A 267 15.18 -24.39 5.00
CA LEU A 267 15.15 -23.31 4.03
C LEU A 267 15.15 -23.83 2.59
N GLY A 268 15.22 -25.16 2.42
CA GLY A 268 15.20 -25.77 1.11
C GLY A 268 16.34 -25.36 0.18
N ASN A 269 15.98 -24.89 -1.02
CA ASN A 269 16.94 -24.45 -2.03
C ASN A 269 17.36 -22.99 -1.86
N HIS A 270 16.81 -22.31 -0.85
CA HIS A 270 17.15 -20.91 -0.59
C HIS A 270 18.58 -20.77 -0.11
N GLN A 271 19.44 -20.25 -0.98
CA GLN A 271 20.86 -20.08 -0.66
C GLN A 271 21.17 -18.71 -0.05
N GLN A 272 20.24 -17.77 -0.18
CA GLN A 272 20.40 -16.43 0.37
C GLN A 272 19.12 -15.97 1.03
N ALA A 273 19.26 -15.04 1.97
CA ALA A 273 18.15 -14.48 2.72
C ALA A 273 18.59 -13.14 3.25
N SER A 274 17.64 -12.34 3.70
CA SER A 274 17.96 -11.05 4.30
C SER A 274 18.00 -11.31 5.80
N LEU A 275 18.57 -10.38 6.56
CA LEU A 275 18.63 -10.55 8.00
C LEU A 275 17.64 -9.59 8.66
N LEU A 276 16.56 -10.15 9.17
CA LEU A 276 15.53 -9.37 9.84
C LEU A 276 15.77 -9.42 11.34
N ARG A 277 15.64 -8.27 12.00
CA ARG A 277 15.83 -8.19 13.44
C ARG A 277 14.67 -7.46 14.08
N LEU A 278 13.90 -8.18 14.89
CA LEU A 278 12.74 -7.61 15.59
C LEU A 278 13.08 -7.34 17.05
N ASP A 279 12.71 -6.16 17.52
CA ASP A 279 12.95 -5.74 18.90
C ASP A 279 11.80 -6.24 19.77
N VAL A 280 12.02 -7.35 20.48
CA VAL A 280 10.98 -7.93 21.33
C VAL A 280 11.06 -7.55 22.82
N GLY A 281 11.60 -6.37 23.12
CA GLY A 281 11.71 -5.94 24.50
C GLY A 281 12.86 -6.54 25.31
N THR A 282 12.85 -7.86 25.48
CA THR A 282 13.89 -8.56 26.24
C THR A 282 15.16 -8.84 25.43
N GLY A 283 15.12 -8.50 24.14
CA GLY A 283 16.27 -8.71 23.28
C GLY A 283 15.88 -8.64 21.82
N TYR A 284 16.71 -9.23 20.96
CA TYR A 284 16.45 -9.22 19.53
C TYR A 284 16.09 -10.61 19.02
N GLN A 285 15.17 -10.62 18.07
CA GLN A 285 14.68 -11.84 17.43
C GLN A 285 15.17 -11.75 15.98
N TYR A 286 15.88 -12.78 15.54
CA TYR A 286 16.43 -12.80 14.18
C TYR A 286 15.66 -13.70 13.22
N TRP A 287 15.50 -13.23 11.99
CA TRP A 287 14.77 -13.96 10.96
C TRP A 287 15.52 -14.04 9.65
N TYR A 288 15.25 -15.09 8.89
CA TYR A 288 15.81 -15.27 7.57
C TYR A 288 14.70 -14.73 6.67
N GLY A 289 14.94 -13.59 6.03
CA GLY A 289 13.95 -13.01 5.14
C GLY A 289 14.06 -13.65 3.77
N LEU A 290 12.99 -14.30 3.34
CA LEU A 290 12.98 -14.97 2.06
C LEU A 290 12.34 -14.07 1.00
N PRO A 291 12.51 -14.39 -0.30
CA PRO A 291 11.95 -13.57 -1.37
C PRO A 291 10.53 -13.05 -1.20
N ASN A 292 9.63 -13.91 -0.72
CA ASN A 292 8.22 -13.53 -0.53
C ASN A 292 8.00 -12.40 0.50
N PHE A 293 8.93 -12.25 1.44
CA PHE A 293 8.84 -11.18 2.43
C PHE A 293 9.21 -9.89 1.72
N TYR A 294 10.20 -9.96 0.83
CA TYR A 294 10.63 -8.78 0.07
C TYR A 294 9.44 -8.30 -0.76
N THR A 295 8.67 -9.26 -1.29
CA THR A 295 7.50 -8.96 -2.10
C THR A 295 6.44 -8.23 -1.28
N ILE A 296 6.25 -8.64 -0.03
CA ILE A 296 5.28 -7.97 0.83
C ILE A 296 5.68 -6.49 0.99
N THR A 297 6.98 -6.22 1.12
CA THR A 297 7.47 -4.84 1.28
C THR A 297 7.37 -3.99 -0.01
N ARG A 298 7.05 -4.61 -1.13
CA ARG A 298 6.92 -3.88 -2.40
C ARG A 298 5.60 -3.14 -2.37
N TYR A 299 4.74 -3.55 -1.44
CA TYR A 299 3.43 -2.95 -1.23
C TYR A 299 3.62 -1.71 -0.35
N ASN A 300 4.46 -1.85 0.67
CA ASN A 300 4.78 -0.77 1.61
C ASN A 300 6.21 -1.07 2.07
N HIS A 301 7.13 -0.18 1.72
CA HIS A 301 8.56 -0.30 2.03
C HIS A 301 8.90 -0.28 3.52
N SER A 302 8.63 -1.38 4.23
CA SER A 302 8.90 -1.46 5.66
C SER A 302 8.97 -2.90 6.16
N THR A 303 9.95 -3.18 7.01
CA THR A 303 10.13 -4.51 7.59
C THR A 303 9.00 -4.77 8.60
N HIS A 304 8.69 -3.75 9.40
CA HIS A 304 7.61 -3.86 10.40
C HIS A 304 6.24 -4.04 9.77
N TYR A 305 6.00 -3.31 8.69
CA TYR A 305 4.74 -3.39 7.96
C TYR A 305 4.48 -4.80 7.51
N ALA A 306 5.48 -5.37 6.83
CA ALA A 306 5.44 -6.71 6.27
C ALA A 306 5.34 -7.85 7.28
N MET A 307 5.96 -7.67 8.43
CA MET A 307 5.92 -8.72 9.47
C MET A 307 4.53 -8.71 10.10
N ALA A 308 3.93 -7.52 10.18
CA ALA A 308 2.60 -7.34 10.75
C ALA A 308 1.56 -7.95 9.80
N VAL A 309 1.73 -7.69 8.50
CA VAL A 309 0.84 -8.23 7.47
C VAL A 309 0.88 -9.76 7.53
N TRP A 310 2.09 -10.30 7.58
CA TRP A 310 2.27 -11.75 7.62
C TRP A 310 1.72 -12.37 8.89
N GLN A 311 2.12 -11.85 10.05
CA GLN A 311 1.68 -12.41 11.33
C GLN A 311 0.17 -12.30 11.58
N LEU A 312 -0.41 -11.19 11.14
CA LEU A 312 -1.85 -11.00 11.31
C LEU A 312 -2.58 -12.04 10.45
N GLY A 313 -2.13 -12.18 9.21
CA GLY A 313 -2.74 -13.16 8.33
C GLY A 313 -2.67 -14.55 8.95
N GLN A 314 -1.51 -14.89 9.52
CA GLN A 314 -1.30 -16.18 10.18
C GLN A 314 -2.16 -16.34 11.43
N ALA A 315 -2.30 -15.26 12.18
CA ALA A 315 -3.11 -15.26 13.40
C ALA A 315 -4.58 -15.49 13.05
N VAL A 316 -5.04 -14.85 11.97
CA VAL A 316 -6.43 -15.00 11.53
C VAL A 316 -6.65 -16.43 11.02
N ALA A 317 -5.64 -16.96 10.32
CA ALA A 317 -5.71 -18.32 9.77
C ALA A 317 -5.89 -19.36 10.87
N LEU A 318 -5.20 -19.16 12.00
CA LEU A 318 -5.31 -20.07 13.12
C LEU A 318 -6.69 -19.96 13.76
N ALA A 319 -7.12 -18.73 14.02
CA ALA A 319 -8.43 -18.48 14.64
C ALA A 319 -9.62 -19.07 13.88
N ARG A 320 -9.48 -19.25 12.56
CA ARG A 320 -10.55 -19.85 11.75
C ARG A 320 -10.65 -21.35 12.03
N VAL A 321 -9.51 -21.98 12.27
CA VAL A 321 -9.43 -23.40 12.54
C VAL A 321 -10.06 -23.74 13.88
N GLN A 322 -9.78 -22.91 14.89
CA GLN A 322 -10.30 -23.12 16.23
C GLN A 322 -11.83 -23.12 16.25
#